data_6B41
#
_entry.id   6B41
#
_cell.length_a   153.920
_cell.length_b   153.920
_cell.length_c   81.618
_cell.angle_alpha   90.000
_cell.angle_beta   90.000
_cell.angle_gamma   90.000
#
_symmetry.space_group_name_H-M   'I 41'
#
loop_
_entity.id
_entity.type
_entity.pdbx_description
1 polymer Menin
2 non-polymer 'methyl {(1S,2R)-2-[(S)-cyano[1-({1-[4-({1-[4-(dimethylamino)butanoyl]azetidin-3-yl}sulfonyl)phenyl]azetidin-3-yl}methyl)piperidin-4-yl](3-fluorophenyl)methyl]cyclopentyl}carbamate'
3 non-polymer 'praseodymium triacetate'
4 water water
#
_entity_poly.entity_id   1
_entity_poly.type   'polypeptide(L)'
_entity_poly.pdbx_seq_one_letter_code
;SGLKAAQKTLFPLRSIDDVVRLFAAELGREEPDLVLLSLVLGFVEHFLAVNRVIPTNVPELTFQPSPAPDPPGGLTYFPV
ADLSIIAALYARFTAQIRGAVDLSLYPREGGVSSRELVKKVSDVIWNSLSRSYFKDRAHIQSLFSFITGTKLDSSGVAFA
VVGACQALGLRDVHLALSEDHAWVVFGPNGEQTAEVTWHGKGNEDRRGQTVNAGVAERSWLYLKGSYMRCDRKMEVAFMV
CAINPSIDLHTDSLELLQLQQKLLWLLYDLGHLERYPMALGNLADLEELEPTPGRPDPLTLYHKGIASAKTYYRDEHIYP
YMYLAGYHCRNRNVREALQAWADTATVIQDYNYCREDEEIYKEFFEVANDVIPNLLKEAASLLEAGEERPGEQSQGTQSQ
GSALQDPECFAHLLRFYDGICKWEEGSPTPVLHVGWATFLVQSLGRFEGQVRQKVRIVSGTVAGTARGPEGGSTAQVPAP
TASPPPEGPVLTFQSEKMKGMKELLVATKINSSAIKLQLTAQSQVQMKKQKVSTPSDYTLSFLKRQRKGL
;
_entity_poly.pdbx_strand_id   A
#
# COMPACT_ATOMS: atom_id res chain seq x y z
N GLY A 2 22.99 -19.65 -7.21
CA GLY A 2 21.97 -20.68 -7.42
C GLY A 2 21.38 -21.23 -6.14
N LEU A 3 20.75 -22.42 -6.23
CA LEU A 3 20.16 -23.03 -5.04
C LEU A 3 21.18 -23.91 -4.33
N LYS A 4 21.46 -23.59 -3.07
CA LYS A 4 22.42 -24.34 -2.27
C LYS A 4 21.70 -25.27 -1.28
N ALA A 5 22.44 -26.21 -0.68
CA ALA A 5 21.93 -27.23 0.25
C ALA A 5 21.20 -26.66 1.45
N ALA A 6 21.66 -25.50 1.97
CA ALA A 6 21.05 -24.77 3.08
C ALA A 6 19.61 -24.35 2.77
N GLN A 7 19.24 -24.36 1.48
CA GLN A 7 17.91 -23.97 1.01
C GLN A 7 17.09 -25.20 0.60
N LYS A 8 17.71 -26.15 -0.12
CA LYS A 8 17.08 -27.36 -0.68
C LYS A 8 16.59 -28.37 0.33
N THR A 9 17.30 -28.53 1.45
CA THR A 9 16.99 -29.51 2.52
C THR A 9 15.73 -29.16 3.31
N LEU A 10 15.13 -27.98 3.04
CA LEU A 10 13.89 -27.50 3.66
C LEU A 10 12.69 -27.87 2.78
N PHE A 11 12.96 -28.48 1.64
CA PHE A 11 11.96 -28.99 0.73
C PHE A 11 11.74 -30.51 0.98
N PRO A 12 10.55 -31.07 0.71
CA PRO A 12 9.34 -30.43 0.16
C PRO A 12 8.67 -29.57 1.23
N LEU A 13 7.92 -28.54 0.80
CA LEU A 13 7.16 -27.66 1.67
C LEU A 13 5.77 -28.25 1.64
N ARG A 14 5.42 -29.10 2.63
CA ARG A 14 4.14 -29.84 2.64
C ARG A 14 3.02 -29.13 3.40
N SER A 15 3.35 -28.09 4.16
CA SER A 15 2.39 -27.30 4.94
C SER A 15 2.71 -25.76 4.88
N ILE A 16 1.98 -24.95 5.68
CA ILE A 16 2.17 -23.50 5.77
C ILE A 16 3.42 -23.22 6.63
N ASP A 17 3.57 -23.97 7.77
CA ASP A 17 4.69 -23.87 8.70
C ASP A 17 5.99 -24.15 7.99
N ASP A 18 5.96 -25.05 6.96
CA ASP A 18 7.13 -25.37 6.12
C ASP A 18 7.49 -24.17 5.22
N VAL A 19 6.51 -23.36 4.82
CA VAL A 19 6.77 -22.18 4.02
C VAL A 19 7.40 -21.08 4.89
N VAL A 20 6.87 -20.91 6.14
CA VAL A 20 7.33 -19.93 7.14
C VAL A 20 8.76 -20.29 7.52
N ARG A 21 9.07 -21.61 7.59
CA ARG A 21 10.40 -22.15 7.86
C ARG A 21 11.41 -21.78 6.77
N LEU A 22 11.03 -21.87 5.49
CA LEU A 22 11.93 -21.49 4.41
C LEU A 22 12.25 -20.02 4.57
N PHE A 23 11.18 -19.18 4.68
CA PHE A 23 11.30 -17.75 4.89
C PHE A 23 12.14 -17.36 6.13
N ALA A 24 12.05 -18.12 7.26
CA ALA A 24 12.83 -17.88 8.50
C ALA A 24 14.34 -18.04 8.27
N ALA A 25 14.69 -19.12 7.55
CA ALA A 25 16.05 -19.51 7.19
C ALA A 25 16.61 -18.49 6.22
N GLU A 26 15.84 -18.13 5.18
CA GLU A 26 16.25 -17.14 4.19
C GLU A 26 16.52 -15.77 4.80
N LEU A 27 15.66 -15.33 5.73
CA LEU A 27 15.82 -14.04 6.40
C LEU A 27 17.06 -13.97 7.33
N GLY A 28 17.70 -15.11 7.55
CA GLY A 28 18.92 -15.24 8.35
C GLY A 28 20.20 -15.27 7.53
N ARG A 29 20.08 -15.45 6.20
CA ARG A 29 21.24 -15.45 5.32
C ARG A 29 21.60 -14.00 5.01
N GLU A 30 22.88 -13.76 4.61
CA GLU A 30 23.44 -12.45 4.25
C GLU A 30 22.67 -11.82 3.11
N GLU A 31 22.32 -12.62 2.10
CA GLU A 31 21.56 -12.11 0.96
C GLU A 31 20.32 -13.01 0.69
N PRO A 32 19.15 -12.76 1.35
CA PRO A 32 17.95 -13.61 1.10
C PRO A 32 17.55 -13.64 -0.40
N ASP A 33 17.32 -14.86 -0.93
CA ASP A 33 16.99 -15.13 -2.33
C ASP A 33 15.58 -14.71 -2.66
N LEU A 34 15.43 -13.55 -3.33
CA LEU A 34 14.12 -13.02 -3.71
C LEU A 34 13.36 -13.86 -4.74
N VAL A 35 14.08 -14.52 -5.66
CA VAL A 35 13.53 -15.32 -6.75
C VAL A 35 12.79 -16.53 -6.19
N LEU A 36 13.54 -17.39 -5.44
CA LEU A 36 13.05 -18.62 -4.81
C LEU A 36 11.84 -18.35 -3.91
N LEU A 37 11.91 -17.28 -3.09
CA LEU A 37 10.82 -16.90 -2.22
C LEU A 37 9.58 -16.42 -3.03
N SER A 38 9.79 -15.72 -4.16
CA SER A 38 8.66 -15.27 -4.99
C SER A 38 7.93 -16.41 -5.70
N LEU A 39 8.70 -17.35 -6.33
CA LEU A 39 8.18 -18.54 -7.03
C LEU A 39 7.37 -19.40 -6.05
N VAL A 40 7.94 -19.67 -4.85
CA VAL A 40 7.30 -20.45 -3.80
C VAL A 40 5.94 -19.82 -3.46
N LEU A 41 5.92 -18.55 -2.97
CA LEU A 41 4.65 -17.87 -2.68
C LEU A 41 3.69 -17.98 -3.85
N GLY A 42 4.20 -17.78 -5.07
CA GLY A 42 3.42 -17.86 -6.30
C GLY A 42 2.86 -19.23 -6.64
N PHE A 43 3.57 -20.29 -6.25
CA PHE A 43 3.15 -21.67 -6.49
C PHE A 43 2.00 -22.02 -5.54
N VAL A 44 2.13 -21.74 -4.23
CA VAL A 44 1.08 -22.02 -3.25
C VAL A 44 -0.18 -21.16 -3.55
N GLU A 45 0.00 -19.90 -4.01
CA GLU A 45 -1.09 -18.99 -4.34
C GLU A 45 -1.88 -19.50 -5.55
N HIS A 46 -1.19 -20.08 -6.57
CA HIS A 46 -1.83 -20.61 -7.78
C HIS A 46 -2.91 -21.65 -7.50
N PHE A 47 -2.59 -22.61 -6.63
CA PHE A 47 -3.48 -23.70 -6.26
C PHE A 47 -4.45 -23.31 -5.17
N LEU A 48 -4.07 -22.36 -4.31
CA LEU A 48 -4.97 -21.94 -3.23
C LEU A 48 -6.03 -20.89 -3.66
N ALA A 49 -5.79 -20.13 -4.76
CA ALA A 49 -6.70 -19.06 -5.17
C ALA A 49 -7.03 -18.95 -6.68
N VAL A 50 -6.04 -19.09 -7.56
CA VAL A 50 -6.19 -18.96 -9.03
C VAL A 50 -6.96 -20.13 -9.64
N ASN A 51 -6.53 -21.36 -9.34
CA ASN A 51 -7.09 -22.59 -9.88
C ASN A 51 -7.06 -23.64 -8.75
N ARG A 52 -8.20 -23.75 -8.05
CA ARG A 52 -8.36 -24.61 -6.89
C ARG A 52 -8.69 -26.06 -7.22
N VAL A 53 -9.04 -26.33 -8.47
CA VAL A 53 -9.43 -27.66 -8.95
C VAL A 53 -8.15 -28.53 -9.08
N ILE A 54 -7.96 -29.47 -8.11
CA ILE A 54 -6.79 -30.34 -8.04
C ILE A 54 -6.65 -31.15 -9.37
N PRO A 55 -5.46 -31.07 -10.03
CA PRO A 55 -5.30 -31.74 -11.33
C PRO A 55 -5.29 -33.26 -11.28
N THR A 56 -5.49 -33.87 -12.44
CA THR A 56 -5.58 -35.33 -12.67
C THR A 56 -4.48 -35.82 -13.62
N ASN A 57 -4.16 -35.03 -14.65
CA ASN A 57 -3.16 -35.34 -15.67
C ASN A 57 -1.73 -35.27 -15.17
N VAL A 58 -1.46 -34.38 -14.19
CA VAL A 58 -0.13 -34.17 -13.64
C VAL A 58 0.26 -35.27 -12.60
N PRO A 59 1.36 -36.03 -12.86
CA PRO A 59 1.78 -37.07 -11.89
C PRO A 59 2.76 -36.57 -10.81
N GLU A 60 3.66 -35.63 -11.17
CA GLU A 60 4.70 -35.07 -10.29
C GLU A 60 4.10 -34.29 -9.12
N LEU A 61 3.03 -33.53 -9.39
CA LEU A 61 2.32 -32.72 -8.40
C LEU A 61 1.44 -33.57 -7.47
N THR A 62 1.51 -33.30 -6.14
CA THR A 62 0.65 -33.96 -5.13
C THR A 62 0.13 -32.92 -4.15
N PHE A 63 -0.92 -33.28 -3.41
CA PHE A 63 -1.48 -32.42 -2.38
C PHE A 63 -1.39 -33.08 -1.00
N GLN A 64 -1.35 -32.27 0.04
CA GLN A 64 -1.18 -32.77 1.38
C GLN A 64 -2.45 -32.59 2.21
N PRO A 65 -3.09 -33.70 2.68
CA PRO A 65 -4.27 -33.54 3.56
C PRO A 65 -3.83 -33.08 4.96
N SER A 66 -4.76 -32.45 5.68
CA SER A 66 -4.61 -31.89 7.02
CA SER A 66 -4.61 -31.89 7.02
C SER A 66 -6.01 -31.56 7.56
N PRO A 67 -6.28 -31.62 8.89
CA PRO A 67 -7.63 -31.26 9.37
C PRO A 67 -7.93 -29.76 9.25
N ALA A 68 -9.09 -29.42 8.66
CA ALA A 68 -9.59 -28.05 8.47
C ALA A 68 -10.39 -27.62 9.70
N PRO A 69 -10.53 -26.30 10.01
CA PRO A 69 -11.30 -25.92 11.20
C PRO A 69 -12.80 -25.76 10.90
N ASP A 70 -13.55 -26.88 11.06
CA ASP A 70 -15.01 -27.00 10.84
C ASP A 70 -15.45 -26.71 9.41
N GLY A 74 -13.70 -30.40 7.90
CA GLY A 74 -13.14 -31.71 7.60
C GLY A 74 -11.66 -31.68 7.31
N LEU A 75 -11.27 -32.02 6.05
CA LEU A 75 -9.88 -32.00 5.56
C LEU A 75 -9.61 -30.78 4.68
N THR A 76 -8.35 -30.33 4.68
CA THR A 76 -7.86 -29.23 3.84
C THR A 76 -6.60 -29.69 3.09
N TYR A 77 -6.59 -29.46 1.76
CA TYR A 77 -5.52 -29.91 0.88
C TYR A 77 -4.57 -28.80 0.53
N PHE A 78 -3.25 -29.06 0.69
CA PHE A 78 -2.19 -28.08 0.43
C PHE A 78 -1.32 -28.49 -0.74
N PRO A 79 -0.99 -27.56 -1.67
CA PRO A 79 -0.04 -27.90 -2.76
C PRO A 79 1.38 -28.14 -2.23
N VAL A 80 1.84 -29.41 -2.31
CA VAL A 80 3.18 -29.78 -1.87
C VAL A 80 4.15 -29.16 -2.85
N ALA A 81 4.99 -28.26 -2.35
CA ALA A 81 5.99 -27.57 -3.15
C ALA A 81 7.25 -28.44 -3.24
N ASP A 82 7.24 -29.37 -4.20
CA ASP A 82 8.37 -30.28 -4.42
C ASP A 82 9.57 -29.50 -4.93
N LEU A 83 10.77 -29.84 -4.45
CA LEU A 83 12.03 -29.20 -4.85
C LEU A 83 12.20 -29.27 -6.35
N SER A 84 11.76 -30.39 -6.96
CA SER A 84 11.76 -30.66 -8.37
C SER A 84 11.09 -29.49 -9.10
N ILE A 85 9.76 -29.26 -8.86
CA ILE A 85 8.96 -28.19 -9.48
C ILE A 85 9.68 -26.86 -9.39
N ILE A 86 9.88 -26.38 -8.16
CA ILE A 86 10.48 -25.10 -7.78
C ILE A 86 11.89 -24.90 -8.38
N ALA A 87 12.79 -25.91 -8.29
CA ALA A 87 14.15 -25.84 -8.85
C ALA A 87 14.09 -25.60 -10.35
N ALA A 88 13.29 -26.38 -11.07
CA ALA A 88 13.09 -26.24 -12.50
C ALA A 88 12.69 -24.80 -12.81
N LEU A 89 11.65 -24.29 -12.12
CA LEU A 89 11.16 -22.90 -12.22
C LEU A 89 12.24 -21.86 -11.92
N TYR A 90 13.13 -22.15 -10.94
CA TYR A 90 14.25 -21.27 -10.57
C TYR A 90 15.31 -21.24 -11.68
N ALA A 91 15.66 -22.44 -12.20
CA ALA A 91 16.61 -22.69 -13.30
C ALA A 91 16.16 -22.01 -14.61
N ARG A 92 14.84 -22.00 -14.89
CA ARG A 92 14.24 -21.36 -16.07
C ARG A 92 14.47 -19.86 -16.06
N PHE A 93 14.21 -19.19 -14.91
CA PHE A 93 14.36 -17.73 -14.75
C PHE A 93 15.80 -17.24 -14.85
N THR A 94 16.72 -17.94 -14.16
CA THR A 94 18.16 -17.62 -14.14
C THR A 94 18.76 -17.77 -15.55
N ALA A 95 18.52 -18.92 -16.19
CA ALA A 95 18.98 -19.22 -17.55
C ALA A 95 18.53 -18.09 -18.48
N GLN A 96 17.22 -17.75 -18.48
CA GLN A 96 16.61 -16.66 -19.27
C GLN A 96 17.33 -15.33 -19.06
N ILE A 97 17.59 -14.98 -17.77
CA ILE A 97 18.23 -13.72 -17.38
C ILE A 97 19.67 -13.69 -17.82
N ARG A 98 20.46 -14.74 -17.46
CA ARG A 98 21.88 -14.94 -17.79
C ARG A 98 22.12 -14.99 -19.29
N GLY A 99 21.26 -15.71 -20.00
CA GLY A 99 21.32 -15.85 -21.45
C GLY A 99 21.01 -14.56 -22.19
N ALA A 100 20.24 -13.65 -21.57
CA ALA A 100 19.89 -12.38 -22.18
C ALA A 100 20.93 -11.31 -21.90
N VAL A 101 21.46 -11.25 -20.67
CA VAL A 101 22.44 -10.23 -20.28
C VAL A 101 23.88 -10.79 -20.27
N ASP A 102 24.80 -10.04 -20.91
CA ASP A 102 26.22 -10.34 -20.96
C ASP A 102 26.94 -9.21 -20.22
N LEU A 103 27.30 -9.48 -18.95
CA LEU A 103 27.96 -8.54 -18.02
C LEU A 103 29.42 -8.25 -18.34
N SER A 104 29.99 -8.90 -19.38
CA SER A 104 31.38 -8.66 -19.77
C SER A 104 31.45 -7.37 -20.61
N LEU A 105 30.29 -6.95 -21.15
CA LEU A 105 30.06 -5.75 -21.95
C LEU A 105 29.80 -4.53 -21.04
N TYR A 106 29.57 -4.80 -19.74
CA TYR A 106 29.27 -3.78 -18.73
C TYR A 106 30.37 -3.71 -17.67
N PRO A 107 31.06 -2.55 -17.53
CA PRO A 107 32.17 -2.48 -16.57
C PRO A 107 31.76 -2.06 -15.16
N ARG A 108 31.87 -3.01 -14.21
CA ARG A 108 31.50 -2.78 -12.82
C ARG A 108 32.60 -1.98 -12.13
N GLU A 109 32.30 -0.71 -11.81
CA GLU A 109 33.21 0.22 -11.14
C GLU A 109 33.27 -0.03 -9.62
N GLY A 110 33.90 -1.15 -9.25
CA GLY A 110 34.05 -1.56 -7.86
C GLY A 110 32.71 -1.82 -7.18
N GLY A 111 32.04 -2.89 -7.61
CA GLY A 111 30.74 -3.32 -7.09
C GLY A 111 29.62 -2.32 -7.27
N VAL A 112 29.60 -1.60 -8.42
CA VAL A 112 28.61 -0.57 -8.74
C VAL A 112 28.01 -0.82 -10.13
N SER A 113 26.65 -0.88 -10.21
CA SER A 113 25.87 -1.03 -11.45
C SER A 113 25.62 0.35 -12.03
N SER A 114 25.77 0.45 -13.36
CA SER A 114 25.58 1.69 -14.11
C SER A 114 24.15 1.71 -14.64
N ARG A 115 23.65 2.92 -15.00
CA ARG A 115 22.31 3.11 -15.53
C ARG A 115 22.01 2.21 -16.73
N GLU A 116 23.01 2.13 -17.64
CA GLU A 116 22.96 1.41 -18.91
C GLU A 116 22.73 -0.09 -18.67
N LEU A 117 23.35 -0.64 -17.59
CA LEU A 117 23.18 -2.05 -17.19
C LEU A 117 21.79 -2.25 -16.57
N VAL A 118 21.36 -1.33 -15.67
CA VAL A 118 20.05 -1.33 -15.02
C VAL A 118 18.92 -1.30 -16.06
N LYS A 119 19.04 -0.40 -17.06
CA LYS A 119 18.03 -0.23 -18.12
C LYS A 119 17.93 -1.48 -19.01
N LYS A 120 19.05 -2.21 -19.20
CA LYS A 120 19.09 -3.45 -19.99
C LYS A 120 18.30 -4.54 -19.27
N VAL A 121 18.56 -4.74 -17.93
CA VAL A 121 17.88 -5.72 -17.07
C VAL A 121 16.39 -5.38 -17.09
N SER A 122 16.07 -4.08 -16.98
CA SER A 122 14.71 -3.56 -17.05
C SER A 122 14.05 -3.93 -18.39
N ASP A 123 14.76 -3.69 -19.54
CA ASP A 123 14.28 -4.04 -20.91
C ASP A 123 14.02 -5.52 -21.07
N VAL A 124 14.92 -6.40 -20.52
CA VAL A 124 14.85 -7.86 -20.53
C VAL A 124 13.50 -8.35 -19.94
N ILE A 125 13.19 -8.00 -18.69
CA ILE A 125 11.96 -8.35 -17.98
C ILE A 125 10.76 -7.86 -18.79
N TRP A 126 10.79 -6.56 -19.14
CA TRP A 126 9.78 -5.80 -19.90
C TRP A 126 9.39 -6.44 -21.22
N ASN A 127 10.39 -6.84 -22.04
CA ASN A 127 10.15 -7.44 -23.35
C ASN A 127 9.76 -8.91 -23.29
N SER A 128 9.88 -9.55 -22.11
CA SER A 128 9.50 -10.94 -21.88
C SER A 128 7.99 -11.11 -21.72
N LEU A 129 7.27 -10.02 -21.37
CA LEU A 129 5.83 -9.97 -21.09
C LEU A 129 4.93 -10.17 -22.31
N SER A 130 3.71 -10.74 -22.06
CA SER A 130 2.64 -10.95 -23.05
C SER A 130 2.17 -9.59 -23.56
N ARG A 131 1.70 -9.54 -24.82
CA ARG A 131 1.27 -8.27 -25.42
C ARG A 131 -0.07 -7.75 -24.85
N SER A 132 -1.04 -8.65 -24.57
CA SER A 132 -2.36 -8.24 -24.11
C SER A 132 -2.96 -9.03 -22.95
N TYR A 133 -2.97 -8.41 -21.76
CA TYR A 133 -3.59 -8.94 -20.53
C TYR A 133 -4.19 -7.80 -19.70
N PHE A 134 -5.19 -8.12 -18.84
CA PHE A 134 -5.78 -7.13 -17.94
C PHE A 134 -4.75 -6.75 -16.89
N LYS A 135 -4.48 -5.44 -16.74
CA LYS A 135 -3.44 -4.93 -15.81
C LYS A 135 -3.80 -5.11 -14.32
N ASP A 136 -5.09 -4.93 -13.97
CA ASP A 136 -5.56 -5.06 -12.59
C ASP A 136 -6.03 -6.49 -12.28
N ARG A 137 -5.43 -7.45 -12.96
CA ARG A 137 -5.74 -8.85 -12.72
C ARG A 137 -5.06 -9.30 -11.41
N ALA A 138 -5.82 -9.99 -10.55
CA ALA A 138 -5.29 -10.49 -9.31
C ALA A 138 -4.32 -11.63 -9.58
N HIS A 139 -3.31 -11.82 -8.71
CA HIS A 139 -2.34 -12.91 -8.77
C HIS A 139 -1.40 -12.92 -10.03
N ILE A 140 -0.90 -11.74 -10.46
CA ILE A 140 0.09 -11.64 -11.53
C ILE A 140 1.30 -10.80 -11.01
N GLN A 141 1.59 -10.91 -9.71
CA GLN A 141 2.60 -10.12 -8.99
C GLN A 141 3.91 -10.84 -8.78
N SER A 142 3.87 -12.17 -8.63
CA SER A 142 5.03 -13.02 -8.32
C SER A 142 5.84 -13.45 -9.56
N LEU A 143 7.00 -14.08 -9.30
CA LEU A 143 7.88 -14.60 -10.34
C LEU A 143 7.36 -15.88 -10.97
N PHE A 144 6.47 -16.60 -10.26
CA PHE A 144 5.82 -17.82 -10.76
C PHE A 144 5.02 -17.38 -11.97
N SER A 145 4.19 -16.33 -11.81
CA SER A 145 3.35 -15.70 -12.84
C SER A 145 4.16 -15.25 -14.09
N PHE A 146 5.31 -14.60 -13.88
CA PHE A 146 6.21 -14.13 -14.93
C PHE A 146 6.76 -15.29 -15.76
N ILE A 147 7.07 -16.41 -15.10
CA ILE A 147 7.64 -17.58 -15.76
C ILE A 147 6.57 -18.45 -16.41
N THR A 148 5.52 -18.81 -15.65
CA THR A 148 4.46 -19.74 -16.07
C THR A 148 3.43 -19.13 -17.02
N GLY A 149 3.14 -17.84 -16.91
CA GLY A 149 2.11 -17.21 -17.73
C GLY A 149 2.51 -15.89 -18.33
N THR A 150 3.74 -15.44 -17.99
CA THR A 150 4.43 -14.21 -18.41
C THR A 150 3.57 -12.92 -18.26
N LYS A 151 3.01 -12.71 -17.04
CA LYS A 151 2.18 -11.55 -16.73
C LYS A 151 2.60 -10.92 -15.40
N LEU A 152 2.77 -9.61 -15.40
CA LEU A 152 3.17 -8.91 -14.19
C LEU A 152 2.46 -7.58 -14.07
N ASP A 153 1.87 -7.29 -12.90
CA ASP A 153 1.27 -5.98 -12.66
C ASP A 153 2.35 -4.88 -12.52
N SER A 154 1.92 -3.63 -12.44
CA SER A 154 2.83 -2.48 -12.35
C SER A 154 4.00 -2.67 -11.34
N SER A 155 3.71 -2.81 -10.03
CA SER A 155 4.73 -3.03 -8.98
C SER A 155 5.53 -4.38 -9.13
N GLY A 156 4.91 -5.41 -9.74
CA GLY A 156 5.47 -6.74 -9.98
C GLY A 156 6.63 -6.76 -10.95
N VAL A 157 6.59 -5.85 -11.96
CA VAL A 157 7.64 -5.61 -12.96
C VAL A 157 8.87 -5.02 -12.24
N ALA A 158 8.64 -4.06 -11.34
CA ALA A 158 9.73 -3.46 -10.57
C ALA A 158 10.47 -4.53 -9.70
N PHE A 159 9.72 -5.34 -8.93
CA PHE A 159 10.30 -6.42 -8.09
C PHE A 159 11.08 -7.49 -8.92
N ALA A 160 10.58 -7.85 -10.14
CA ALA A 160 11.20 -8.80 -11.06
C ALA A 160 12.51 -8.24 -11.57
N VAL A 161 12.59 -6.91 -11.82
CA VAL A 161 13.82 -6.24 -12.26
C VAL A 161 14.85 -6.28 -11.08
N VAL A 162 14.40 -6.14 -9.83
CA VAL A 162 15.28 -6.22 -8.63
C VAL A 162 15.73 -7.69 -8.45
N GLY A 163 14.76 -8.61 -8.58
CA GLY A 163 14.99 -10.05 -8.51
C GLY A 163 16.04 -10.48 -9.52
N ALA A 164 15.84 -10.11 -10.81
CA ALA A 164 16.75 -10.39 -11.94
C ALA A 164 18.17 -9.87 -11.76
N CYS A 165 18.35 -8.71 -11.09
CA CYS A 165 19.67 -8.11 -10.80
C CYS A 165 20.44 -8.97 -9.79
N GLN A 166 19.76 -9.38 -8.69
CA GLN A 166 20.29 -10.24 -7.64
C GLN A 166 20.76 -11.55 -8.24
N ALA A 167 20.06 -12.02 -9.29
CA ALA A 167 20.45 -13.23 -10.01
C ALA A 167 21.81 -12.98 -10.75
N LEU A 168 21.92 -11.85 -11.46
CA LEU A 168 23.10 -11.41 -12.23
C LEU A 168 24.30 -11.07 -11.35
N GLY A 169 24.06 -10.88 -10.05
CA GLY A 169 25.08 -10.53 -9.07
C GLY A 169 25.03 -9.07 -8.64
N LEU A 170 24.11 -8.28 -9.21
CA LEU A 170 23.95 -6.85 -8.92
C LEU A 170 23.30 -6.65 -7.55
N ARG A 171 24.10 -6.23 -6.56
CA ARG A 171 23.74 -6.05 -5.16
C ARG A 171 23.29 -4.63 -4.78
N ASP A 172 23.77 -3.60 -5.50
CA ASP A 172 23.46 -2.18 -5.22
C ASP A 172 22.05 -1.76 -5.68
N VAL A 173 21.41 -2.56 -6.55
CA VAL A 173 20.09 -2.31 -7.11
C VAL A 173 18.96 -2.72 -6.15
N HIS A 174 18.21 -1.75 -5.66
CA HIS A 174 17.12 -2.00 -4.72
C HIS A 174 15.77 -1.46 -5.15
N LEU A 175 14.71 -2.04 -4.58
CA LEU A 175 13.35 -1.61 -4.84
C LEU A 175 13.05 -0.29 -4.09
N ALA A 176 12.44 0.65 -4.80
CA ALA A 176 12.03 1.94 -4.31
C ALA A 176 10.51 1.95 -4.35
N LEU A 177 9.83 2.43 -3.30
CA LEU A 177 8.37 2.40 -3.26
C LEU A 177 7.77 3.64 -2.68
N SER A 178 6.63 4.05 -3.25
CA SER A 178 5.77 5.13 -2.73
C SER A 178 4.49 4.42 -2.28
N GLU A 179 3.35 5.10 -2.19
CA GLU A 179 2.17 4.36 -1.74
C GLU A 179 1.30 3.86 -2.93
N ASP A 180 1.69 4.17 -4.19
CA ASP A 180 0.94 3.70 -5.36
C ASP A 180 1.84 3.46 -6.59
N HIS A 181 3.15 3.53 -6.39
CA HIS A 181 4.09 3.35 -7.47
C HIS A 181 5.46 2.77 -6.98
N ALA A 182 6.12 2.05 -7.88
CA ALA A 182 7.40 1.40 -7.62
C ALA A 182 8.45 1.76 -8.66
N TRP A 183 9.75 1.73 -8.28
CA TRP A 183 10.90 1.99 -9.14
C TRP A 183 12.16 1.44 -8.54
N VAL A 184 13.33 1.80 -9.09
CA VAL A 184 14.62 1.26 -8.67
C VAL A 184 15.59 2.35 -8.17
N VAL A 185 16.32 2.04 -7.08
CA VAL A 185 17.41 2.85 -6.52
C VAL A 185 18.71 2.06 -6.73
N PHE A 186 19.80 2.76 -7.05
CA PHE A 186 21.10 2.15 -7.28
C PHE A 186 22.21 3.19 -7.17
N GLY A 187 23.45 2.76 -7.43
CA GLY A 187 24.62 3.64 -7.38
C GLY A 187 25.52 3.43 -6.18
N PRO A 188 26.65 4.19 -6.10
CA PRO A 188 27.61 4.02 -4.98
C PRO A 188 27.11 4.42 -3.61
N ASN A 189 25.98 5.17 -3.54
CA ASN A 189 25.40 5.61 -2.28
C ASN A 189 23.90 5.34 -2.25
N GLY A 190 23.41 4.66 -3.29
CA GLY A 190 22.00 4.32 -3.48
C GLY A 190 21.13 5.55 -3.65
N GLU A 191 21.65 6.57 -4.38
CA GLU A 191 21.01 7.86 -4.62
C GLU A 191 20.55 8.05 -6.07
N GLN A 192 20.98 7.12 -6.97
CA GLN A 192 20.62 7.09 -8.39
C GLN A 192 19.26 6.41 -8.51
N THR A 193 18.34 7.02 -9.25
CA THR A 193 16.99 6.50 -9.44
C THR A 193 16.68 6.22 -10.91
N ALA A 194 15.81 5.21 -11.17
CA ALA A 194 15.38 4.77 -12.51
C ALA A 194 13.97 4.16 -12.52
N GLU A 195 13.11 4.62 -13.48
CA GLU A 195 11.76 4.11 -13.69
C GLU A 195 11.87 2.78 -14.47
N VAL A 196 11.13 1.75 -14.04
CA VAL A 196 11.18 0.40 -14.64
C VAL A 196 9.80 -0.13 -15.05
N THR A 197 8.74 0.62 -14.72
CA THR A 197 7.39 0.18 -15.00
C THR A 197 6.51 1.36 -15.44
N TRP A 198 5.21 1.12 -15.55
CA TRP A 198 4.25 2.12 -15.96
C TRP A 198 3.36 2.44 -14.78
N HIS A 199 2.79 3.64 -14.75
CA HIS A 199 1.85 4.00 -13.73
C HIS A 199 0.52 4.39 -14.37
N GLY A 200 -0.57 3.84 -13.83
CA GLY A 200 -1.94 4.06 -14.30
C GLY A 200 -2.23 3.46 -15.67
N LYS A 201 -3.49 3.60 -16.11
CA LYS A 201 -3.89 3.13 -17.44
C LYS A 201 -3.77 4.29 -18.45
N GLY A 202 -2.65 4.30 -19.16
CA GLY A 202 -2.38 5.28 -20.22
C GLY A 202 -1.58 6.51 -19.83
N ASN A 203 -0.27 6.48 -20.13
CA ASN A 203 0.70 7.56 -19.90
C ASN A 203 1.96 7.35 -20.77
N GLU A 204 2.88 8.35 -20.80
CA GLU A 204 4.12 8.32 -21.59
C GLU A 204 5.14 7.28 -21.09
N ASP A 205 6.18 6.99 -21.89
CA ASP A 205 7.17 6.01 -21.49
C ASP A 205 8.28 6.67 -20.70
N ARG A 206 7.99 6.86 -19.38
CA ARG A 206 8.91 7.43 -18.41
C ARG A 206 9.99 6.42 -18.03
N ARG A 207 9.80 5.14 -18.42
CA ARG A 207 10.75 4.06 -18.17
C ARG A 207 12.17 4.47 -18.56
N GLY A 208 13.10 4.25 -17.63
CA GLY A 208 14.52 4.55 -17.81
C GLY A 208 14.94 5.90 -17.30
N GLN A 209 13.95 6.76 -16.99
CA GLN A 209 14.14 8.12 -16.49
C GLN A 209 14.29 8.15 -14.97
N THR A 210 14.75 9.28 -14.48
CA THR A 210 14.92 9.63 -13.09
C THR A 210 13.52 9.86 -12.46
N VAL A 211 13.47 9.94 -11.14
CA VAL A 211 12.24 10.14 -10.38
C VAL A 211 12.13 11.62 -9.90
N ASN A 212 13.25 12.39 -10.06
CA ASN A 212 13.44 13.81 -9.76
C ASN A 212 12.29 14.76 -10.10
N ALA A 213 11.68 14.59 -11.28
CA ALA A 213 10.59 15.50 -11.69
C ALA A 213 9.34 15.39 -10.80
N GLY A 214 8.96 14.17 -10.42
CA GLY A 214 7.80 13.91 -9.59
C GLY A 214 7.97 14.29 -8.15
N VAL A 215 9.25 14.31 -7.68
CA VAL A 215 9.63 14.70 -6.31
C VAL A 215 9.46 16.22 -6.17
N ALA A 216 10.07 16.99 -7.11
CA ALA A 216 10.01 18.44 -7.14
C ALA A 216 8.60 18.97 -7.40
N GLU A 217 7.79 18.25 -8.20
CA GLU A 217 6.40 18.66 -8.55
C GLU A 217 5.43 18.70 -7.35
N ARG A 218 5.76 17.97 -6.26
CA ARG A 218 4.97 17.86 -5.02
C ARG A 218 3.76 16.95 -5.22
N SER A 219 3.99 15.81 -5.88
CA SER A 219 2.93 14.84 -6.10
C SER A 219 3.01 13.80 -5.03
N TRP A 220 1.85 13.28 -4.66
CA TRP A 220 1.70 12.24 -3.68
C TRP A 220 2.44 10.98 -4.14
N LEU A 221 2.35 10.67 -5.45
CA LEU A 221 3.01 9.52 -6.08
C LEU A 221 4.51 9.43 -5.83
N TYR A 222 5.18 10.55 -5.52
CA TYR A 222 6.62 10.51 -5.28
C TYR A 222 6.96 10.89 -3.84
N LEU A 223 5.89 11.11 -3.04
CA LEU A 223 5.95 11.40 -1.61
C LEU A 223 6.95 12.49 -1.22
N LYS A 224 7.08 13.55 -2.09
CA LYS A 224 8.02 14.68 -1.89
C LYS A 224 9.46 14.21 -1.51
N GLY A 225 9.80 12.97 -1.89
CA GLY A 225 11.09 12.36 -1.64
C GLY A 225 11.10 11.39 -0.48
N SER A 226 10.17 11.52 0.48
CA SER A 226 10.20 10.62 1.61
C SER A 226 9.45 9.32 1.31
N TYR A 227 10.03 8.51 0.43
CA TYR A 227 9.50 7.22 0.01
C TYR A 227 10.42 6.12 0.56
N MET A 228 10.00 4.85 0.48
CA MET A 228 10.83 3.77 0.99
C MET A 228 11.90 3.33 0.01
N ARG A 229 13.12 3.15 0.50
CA ARG A 229 14.27 2.62 -0.24
C ARG A 229 14.54 1.32 0.48
N CYS A 230 14.02 0.22 -0.07
CA CYS A 230 14.10 -1.13 0.50
C CYS A 230 15.54 -1.65 0.56
N ASP A 231 15.80 -2.54 1.51
CA ASP A 231 16.99 -3.35 1.62
C ASP A 231 16.43 -4.72 1.31
N ARG A 232 17.25 -5.79 1.25
CA ARG A 232 16.76 -7.14 0.89
C ARG A 232 15.61 -7.65 1.77
N LYS A 233 15.71 -7.42 3.10
CA LYS A 233 14.69 -7.79 4.09
C LYS A 233 13.36 -7.06 3.91
N MET A 234 13.38 -5.79 3.41
CA MET A 234 12.16 -5.01 3.13
C MET A 234 11.50 -5.47 1.82
N GLU A 235 12.34 -5.95 0.86
CA GLU A 235 11.88 -6.49 -0.41
C GLU A 235 11.14 -7.80 -0.19
N VAL A 236 11.47 -8.51 0.92
CA VAL A 236 10.79 -9.76 1.33
C VAL A 236 9.43 -9.36 1.92
N ALA A 237 9.39 -8.27 2.73
CA ALA A 237 8.16 -7.72 3.33
C ALA A 237 7.15 -7.34 2.26
N PHE A 238 7.61 -6.64 1.18
CA PHE A 238 6.77 -6.25 0.05
C PHE A 238 6.07 -7.47 -0.57
N MET A 239 6.89 -8.49 -0.89
CA MET A 239 6.54 -9.78 -1.49
C MET A 239 5.47 -10.49 -0.65
N VAL A 240 5.56 -10.44 0.70
CA VAL A 240 4.59 -11.05 1.63
C VAL A 240 3.29 -10.22 1.58
N CYS A 241 3.41 -8.89 1.64
CA CYS A 241 2.26 -7.99 1.54
C CYS A 241 1.54 -8.19 0.25
N ALA A 242 2.28 -8.62 -0.80
CA ALA A 242 1.77 -8.91 -2.15
C ALA A 242 1.01 -10.25 -2.26
N ILE A 243 1.00 -11.14 -1.22
CA ILE A 243 0.17 -12.36 -1.28
C ILE A 243 -1.29 -11.89 -1.42
N ASN A 244 -2.00 -12.42 -2.40
CA ASN A 244 -3.40 -12.07 -2.58
C ASN A 244 -4.34 -13.29 -2.24
N PRO A 245 -5.00 -13.26 -1.06
CA PRO A 245 -5.85 -14.40 -0.68
C PRO A 245 -7.21 -14.45 -1.39
N SER A 246 -7.54 -13.46 -2.23
CA SER A 246 -8.83 -13.47 -2.92
C SER A 246 -8.99 -14.61 -3.95
N ILE A 247 -10.04 -15.44 -3.73
CA ILE A 247 -10.45 -16.55 -4.60
C ILE A 247 -11.32 -15.87 -5.69
N ASP A 248 -12.27 -15.05 -5.23
CA ASP A 248 -13.09 -14.15 -6.02
C ASP A 248 -13.29 -12.85 -5.21
N LEU A 249 -14.12 -11.90 -5.67
CA LEU A 249 -14.28 -10.63 -4.95
C LEU A 249 -14.93 -10.78 -3.58
N HIS A 250 -15.73 -11.84 -3.36
CA HIS A 250 -16.40 -12.05 -2.06
C HIS A 250 -15.69 -13.02 -1.11
N THR A 251 -15.08 -14.11 -1.64
CA THR A 251 -14.41 -15.14 -0.82
C THR A 251 -12.86 -15.12 -0.91
N ASP A 252 -12.17 -15.53 0.18
CA ASP A 252 -10.70 -15.60 0.30
C ASP A 252 -10.23 -16.93 0.85
N SER A 253 -8.97 -17.32 0.50
CA SER A 253 -8.28 -18.52 0.94
C SER A 253 -7.86 -18.37 2.37
N LEU A 254 -8.39 -19.21 3.27
CA LEU A 254 -7.98 -19.13 4.68
C LEU A 254 -6.47 -19.39 4.88
N GLU A 255 -5.87 -20.31 4.12
CA GLU A 255 -4.45 -20.68 4.19
C GLU A 255 -3.58 -19.53 3.72
N LEU A 256 -3.99 -18.79 2.67
CA LEU A 256 -3.22 -17.64 2.20
C LEU A 256 -3.22 -16.46 3.21
N LEU A 257 -4.34 -16.30 3.96
CA LEU A 257 -4.51 -15.29 5.01
C LEU A 257 -3.63 -15.64 6.20
N GLN A 258 -3.70 -16.93 6.64
CA GLN A 258 -2.93 -17.51 7.74
C GLN A 258 -1.42 -17.41 7.44
N LEU A 259 -1.03 -17.80 6.20
CA LEU A 259 0.34 -17.72 5.68
C LEU A 259 0.90 -16.30 5.81
N GLN A 260 0.26 -15.31 5.14
CA GLN A 260 0.65 -13.90 5.14
C GLN A 260 0.79 -13.33 6.57
N GLN A 261 -0.19 -13.67 7.45
CA GLN A 261 -0.22 -13.29 8.86
C GLN A 261 1.01 -13.85 9.60
N LYS A 262 1.33 -15.16 9.39
CA LYS A 262 2.46 -15.83 10.01
C LYS A 262 3.78 -15.22 9.51
N LEU A 263 3.82 -14.89 8.21
CA LEU A 263 4.99 -14.30 7.57
C LEU A 263 5.25 -12.89 8.05
N LEU A 264 4.19 -12.08 8.19
CA LEU A 264 4.29 -10.73 8.70
C LEU A 264 4.82 -10.71 10.15
N TRP A 265 4.32 -11.63 11.01
CA TRP A 265 4.83 -11.75 12.39
C TRP A 265 6.32 -12.09 12.45
N LEU A 266 6.80 -12.95 11.53
CA LEU A 266 8.22 -13.37 11.44
C LEU A 266 9.07 -12.15 11.09
N LEU A 267 8.62 -11.39 10.07
CA LEU A 267 9.26 -10.17 9.59
C LEU A 267 9.27 -9.06 10.64
N TYR A 268 8.18 -8.96 11.41
CA TYR A 268 7.97 -7.99 12.48
C TYR A 268 8.95 -8.18 13.65
N ASP A 269 9.00 -9.43 14.21
CA ASP A 269 9.89 -9.84 15.32
C ASP A 269 11.38 -9.58 15.06
N LEU A 270 11.79 -9.61 13.77
CA LEU A 270 13.15 -9.38 13.26
C LEU A 270 13.37 -7.87 12.96
N GLY A 271 12.36 -7.03 13.23
CA GLY A 271 12.42 -5.58 13.07
C GLY A 271 12.38 -5.08 11.64
N HIS A 272 12.03 -5.94 10.70
CA HIS A 272 12.00 -5.63 9.28
C HIS A 272 10.72 -4.84 8.89
N LEU A 273 9.75 -4.67 9.83
CA LEU A 273 8.53 -3.87 9.59
C LEU A 273 8.59 -2.47 10.20
N GLU A 274 9.71 -2.10 10.82
CA GLU A 274 9.91 -0.80 11.51
C GLU A 274 9.93 0.38 10.53
N ARG A 275 10.32 0.13 9.26
CA ARG A 275 10.37 1.16 8.23
C ARG A 275 9.35 0.87 7.11
N TYR A 276 8.33 0.05 7.39
CA TYR A 276 7.26 -0.30 6.44
C TYR A 276 5.86 0.03 7.07
N PRO A 277 5.40 1.31 6.99
CA PRO A 277 4.11 1.66 7.62
C PRO A 277 2.90 0.85 7.18
N MET A 278 2.73 0.57 5.88
CA MET A 278 1.57 -0.16 5.37
C MET A 278 1.53 -1.66 5.78
N ALA A 279 2.69 -2.33 5.95
CA ALA A 279 2.71 -3.74 6.37
C ALA A 279 2.10 -3.88 7.78
N LEU A 280 2.36 -2.89 8.67
CA LEU A 280 1.83 -2.82 10.03
C LEU A 280 0.29 -2.70 10.01
N GLY A 281 -0.23 -1.86 9.09
CA GLY A 281 -1.67 -1.70 8.85
C GLY A 281 -2.32 -2.98 8.36
N ASN A 282 -1.66 -3.69 7.42
CA ASN A 282 -2.05 -4.98 6.84
C ASN A 282 -2.11 -6.05 7.95
N LEU A 283 -1.07 -6.08 8.82
CA LEU A 283 -0.99 -6.99 9.97
C LEU A 283 -2.17 -6.79 10.92
N ALA A 284 -2.49 -5.51 11.21
CA ALA A 284 -3.61 -5.10 12.05
C ALA A 284 -4.91 -5.60 11.42
N ASP A 285 -5.11 -5.35 10.10
CA ASP A 285 -6.28 -5.75 9.31
C ASP A 285 -6.54 -7.24 9.47
N LEU A 286 -5.48 -8.08 9.31
CA LEU A 286 -5.50 -9.53 9.45
C LEU A 286 -5.69 -9.96 10.92
N GLU A 287 -5.19 -9.15 11.86
CA GLU A 287 -5.34 -9.43 13.30
C GLU A 287 -6.78 -9.24 13.74
N GLU A 288 -7.55 -8.32 13.08
CA GLU A 288 -8.95 -8.10 13.39
C GLU A 288 -9.76 -9.34 12.96
N LEU A 289 -9.41 -9.97 11.80
CA LEU A 289 -10.09 -11.16 11.24
C LEU A 289 -9.89 -12.40 12.11
N GLU A 290 -8.63 -12.83 12.33
CA GLU A 290 -8.28 -13.95 13.19
C GLU A 290 -7.13 -13.51 14.13
N PRO A 291 -7.44 -13.06 15.37
CA PRO A 291 -6.38 -12.58 16.26
C PRO A 291 -5.45 -13.66 16.80
N THR A 292 -4.14 -13.40 16.83
CA THR A 292 -3.20 -14.38 17.34
C THR A 292 -2.96 -14.18 18.84
N PRO A 293 -3.27 -15.19 19.68
CA PRO A 293 -3.04 -15.06 21.13
C PRO A 293 -1.61 -14.67 21.49
N GLY A 294 -1.50 -13.77 22.46
CA GLY A 294 -0.24 -13.23 22.95
C GLY A 294 0.49 -12.35 21.96
N ARG A 295 -0.24 -11.43 21.31
CA ARG A 295 0.27 -10.47 20.32
C ARG A 295 -0.47 -9.13 20.46
N PRO A 296 0.14 -7.99 20.03
CA PRO A 296 -0.56 -6.70 20.16
C PRO A 296 -1.89 -6.61 19.43
N ASP A 297 -2.86 -5.87 20.01
CA ASP A 297 -4.22 -5.65 19.50
C ASP A 297 -4.20 -4.84 18.20
N PRO A 298 -5.15 -5.03 17.26
CA PRO A 298 -5.09 -4.28 15.98
C PRO A 298 -4.74 -2.79 16.07
N LEU A 299 -5.43 -2.01 16.95
CA LEU A 299 -5.19 -0.56 17.15
C LEU A 299 -3.75 -0.25 17.49
N THR A 300 -3.12 -1.05 18.40
CA THR A 300 -1.71 -0.92 18.77
C THR A 300 -0.84 -0.98 17.48
N LEU A 301 -1.10 -1.98 16.62
CA LEU A 301 -0.40 -2.14 15.33
C LEU A 301 -0.73 -1.00 14.38
N TYR A 302 -2.01 -0.56 14.31
CA TYR A 302 -2.39 0.57 13.44
C TYR A 302 -1.57 1.78 13.81
N HIS A 303 -1.43 2.05 15.12
CA HIS A 303 -0.66 3.17 15.68
C HIS A 303 0.85 3.02 15.52
N LYS A 304 1.34 1.79 15.35
CA LYS A 304 2.76 1.52 15.09
C LYS A 304 3.08 1.91 13.63
N GLY A 305 2.12 1.70 12.72
CA GLY A 305 2.22 2.08 11.31
C GLY A 305 2.31 3.58 11.14
N ILE A 306 1.57 4.35 11.98
CA ILE A 306 1.59 5.80 11.97
C ILE A 306 2.95 6.27 12.54
N ALA A 307 3.36 5.69 13.70
CA ALA A 307 4.62 5.97 14.42
C ALA A 307 5.84 5.84 13.49
N SER A 308 5.84 4.79 12.64
CA SER A 308 6.85 4.51 11.64
C SER A 308 6.88 5.65 10.61
N ALA A 309 5.70 6.11 10.13
CA ALA A 309 5.59 7.19 9.15
C ALA A 309 6.17 8.47 9.70
N LYS A 310 5.80 8.80 10.93
CA LYS A 310 6.28 9.96 11.68
C LYS A 310 7.81 9.92 11.89
N THR A 311 8.35 8.78 12.36
CA THR A 311 9.78 8.66 12.62
C THR A 311 10.68 8.67 11.38
N TYR A 312 10.45 7.74 10.46
CA TYR A 312 11.30 7.52 9.30
C TYR A 312 10.88 8.22 8.00
N TYR A 313 9.64 8.78 7.92
CA TYR A 313 9.15 9.38 6.67
C TYR A 313 8.46 10.77 6.84
N ARG A 314 8.95 11.61 7.78
CA ARG A 314 8.46 13.00 8.05
C ARG A 314 6.93 13.18 8.13
N ASP A 315 6.15 12.14 8.46
CA ASP A 315 4.68 12.21 8.53
C ASP A 315 4.05 12.65 7.18
N GLU A 316 4.61 12.15 6.08
CA GLU A 316 4.23 12.46 4.70
C GLU A 316 3.42 11.37 3.99
N HIS A 317 2.95 10.35 4.74
CA HIS A 317 2.19 9.23 4.23
C HIS A 317 0.71 9.28 4.66
N ILE A 318 -0.16 8.84 3.76
CA ILE A 318 -1.63 8.85 3.84
C ILE A 318 -2.26 7.55 4.40
N TYR A 319 -1.87 6.38 3.86
CA TYR A 319 -2.49 5.09 4.18
C TYR A 319 -2.36 4.61 5.64
N PRO A 320 -1.34 4.94 6.46
CA PRO A 320 -1.37 4.47 7.87
C PRO A 320 -2.56 5.05 8.63
N TYR A 321 -3.01 6.24 8.19
CA TYR A 321 -4.16 6.93 8.74
C TYR A 321 -5.44 6.39 8.11
N MET A 322 -5.36 5.89 6.85
CA MET A 322 -6.51 5.27 6.16
C MET A 322 -6.80 3.89 6.76
N TYR A 323 -5.76 3.11 7.05
CA TYR A 323 -5.87 1.80 7.70
C TYR A 323 -6.62 1.94 9.04
N LEU A 324 -6.19 2.88 9.92
CA LEU A 324 -6.86 3.17 11.19
C LEU A 324 -8.32 3.63 10.97
N ALA A 325 -8.54 4.57 10.05
CA ALA A 325 -9.87 5.06 9.64
C ALA A 325 -10.83 3.96 9.15
N GLY A 326 -10.30 2.96 8.47
CA GLY A 326 -11.10 1.83 7.98
C GLY A 326 -11.54 0.95 9.11
N TYR A 327 -10.65 0.73 10.09
CA TYR A 327 -10.92 -0.05 11.31
C TYR A 327 -12.08 0.54 12.11
N HIS A 328 -12.09 1.87 12.28
CA HIS A 328 -13.11 2.59 13.04
C HIS A 328 -14.43 2.62 12.29
N CYS A 329 -14.38 2.74 10.96
CA CYS A 329 -15.57 2.73 10.10
C CYS A 329 -16.22 1.36 10.10
N ARG A 330 -15.41 0.29 10.23
CA ARG A 330 -15.89 -1.08 10.29
C ARG A 330 -16.69 -1.31 11.59
N ASN A 331 -16.27 -0.64 12.67
CA ASN A 331 -16.86 -0.76 14.01
C ASN A 331 -17.70 0.46 14.44
N ARG A 332 -18.23 1.22 13.46
CA ARG A 332 -19.10 2.41 13.62
C ARG A 332 -18.65 3.37 14.76
N ASN A 333 -17.34 3.71 14.78
CA ASN A 333 -16.73 4.63 15.74
C ASN A 333 -16.55 5.92 14.97
N VAL A 334 -17.65 6.66 14.77
CA VAL A 334 -17.79 7.87 13.94
C VAL A 334 -16.71 8.93 14.26
N ARG A 335 -16.56 9.35 15.53
CA ARG A 335 -15.53 10.35 15.90
C ARG A 335 -14.12 9.87 15.61
N GLU A 336 -13.78 8.63 16.02
CA GLU A 336 -12.47 8.01 15.79
C GLU A 336 -12.12 7.81 14.29
N ALA A 337 -13.16 7.56 13.44
CA ALA A 337 -13.03 7.42 12.00
C ALA A 337 -12.83 8.80 11.37
N LEU A 338 -13.72 9.76 11.72
CA LEU A 338 -13.65 11.14 11.23
C LEU A 338 -12.33 11.79 11.64
N GLN A 339 -11.80 11.42 12.82
CA GLN A 339 -10.53 11.92 13.34
C GLN A 339 -9.38 11.48 12.44
N ALA A 340 -9.34 10.19 12.12
CA ALA A 340 -8.32 9.61 11.26
C ALA A 340 -8.40 10.18 9.80
N TRP A 341 -9.59 10.37 9.24
CA TRP A 341 -9.70 10.98 7.89
C TRP A 341 -9.28 12.47 7.90
N ALA A 342 -9.46 13.15 9.05
CA ALA A 342 -9.08 14.56 9.24
C ALA A 342 -7.54 14.64 9.25
N ASP A 343 -6.88 13.63 9.92
CA ASP A 343 -5.43 13.40 10.06
C ASP A 343 -4.85 13.14 8.69
N THR A 344 -5.60 12.40 7.83
CA THR A 344 -5.24 12.01 6.46
C THR A 344 -5.15 13.25 5.57
N ALA A 345 -6.20 14.11 5.61
CA ALA A 345 -6.25 15.35 4.87
C ALA A 345 -5.15 16.34 5.34
N THR A 346 -4.68 16.22 6.63
CA THR A 346 -3.60 17.03 7.20
C THR A 346 -2.25 16.67 6.54
N VAL A 347 -2.12 15.40 6.09
CA VAL A 347 -0.93 14.91 5.39
C VAL A 347 -0.99 15.40 3.91
N ILE A 348 -2.16 15.26 3.26
CA ILE A 348 -2.33 15.63 1.85
C ILE A 348 -2.32 17.14 1.62
N GLN A 349 -2.58 17.94 2.66
CA GLN A 349 -2.62 19.38 2.56
C GLN A 349 -1.33 20.01 1.98
N ASP A 350 -0.18 19.39 2.27
CA ASP A 350 1.10 19.92 1.86
C ASP A 350 1.61 19.31 0.58
N TYR A 351 0.69 18.67 -0.18
CA TYR A 351 0.95 18.10 -1.50
C TYR A 351 0.19 18.97 -2.52
N ASN A 352 0.40 18.70 -3.81
CA ASN A 352 -0.26 19.40 -4.89
C ASN A 352 -0.79 18.36 -5.85
N TYR A 353 -2.12 18.38 -6.10
CA TYR A 353 -2.81 17.39 -6.96
C TYR A 353 -2.38 17.44 -8.43
N CYS A 354 -1.74 16.34 -8.87
CA CYS A 354 -1.30 16.12 -10.25
C CYS A 354 -2.20 15.06 -10.89
N ARG A 355 -2.18 14.98 -12.23
CA ARG A 355 -2.94 14.05 -13.05
C ARG A 355 -2.82 12.61 -12.55
N GLU A 356 -1.55 12.14 -12.38
CA GLU A 356 -1.17 10.81 -11.92
C GLU A 356 -1.57 10.48 -10.47
N ASP A 357 -2.11 11.45 -9.69
CA ASP A 357 -2.52 11.21 -8.30
C ASP A 357 -3.99 10.73 -8.14
N GLU A 358 -4.60 10.25 -9.26
CA GLU A 358 -5.98 9.77 -9.36
C GLU A 358 -6.39 8.69 -8.33
N GLU A 359 -5.46 7.79 -7.90
CA GLU A 359 -5.77 6.74 -6.90
C GLU A 359 -6.19 7.32 -5.53
N ILE A 360 -5.46 8.33 -5.02
CA ILE A 360 -5.78 8.95 -3.75
C ILE A 360 -6.92 9.98 -3.90
N TYR A 361 -7.09 10.58 -5.11
CA TYR A 361 -8.19 11.51 -5.35
C TYR A 361 -9.52 10.73 -5.19
N LYS A 362 -9.61 9.57 -5.89
CA LYS A 362 -10.73 8.62 -5.84
C LYS A 362 -11.03 8.19 -4.41
N GLU A 363 -9.98 8.00 -3.60
CA GLU A 363 -10.02 7.68 -2.17
C GLU A 363 -10.68 8.80 -1.34
N PHE A 364 -10.19 10.06 -1.46
CA PHE A 364 -10.79 11.20 -0.76
C PHE A 364 -12.21 11.53 -1.25
N PHE A 365 -12.48 11.33 -2.56
CA PHE A 365 -13.77 11.61 -3.17
C PHE A 365 -14.84 10.67 -2.61
N GLU A 366 -14.48 9.40 -2.35
CA GLU A 366 -15.41 8.40 -1.84
C GLU A 366 -15.74 8.67 -0.38
N VAL A 367 -14.71 8.94 0.48
CA VAL A 367 -14.94 9.27 1.90
C VAL A 367 -15.77 10.58 2.05
N ALA A 368 -15.45 11.64 1.29
CA ALA A 368 -16.17 12.91 1.37
C ALA A 368 -17.58 12.90 0.81
N ASN A 369 -17.85 12.02 -0.17
CA ASN A 369 -19.14 12.06 -0.86
C ASN A 369 -19.92 10.73 -0.89
N ASP A 370 -19.43 9.69 -0.22
CA ASP A 370 -20.12 8.41 -0.14
C ASP A 370 -20.02 7.81 1.26
N VAL A 371 -18.78 7.67 1.80
CA VAL A 371 -18.55 7.05 3.12
C VAL A 371 -19.01 7.96 4.29
N ILE A 372 -18.55 9.24 4.35
CA ILE A 372 -18.95 10.18 5.40
C ILE A 372 -20.48 10.42 5.31
N PRO A 373 -21.06 10.78 4.15
CA PRO A 373 -22.53 10.90 4.08
C PRO A 373 -23.30 9.64 4.53
N ASN A 374 -22.70 8.46 4.44
CA ASN A 374 -23.33 7.21 4.88
C ASN A 374 -23.25 6.99 6.40
N LEU A 375 -22.15 7.46 7.04
CA LEU A 375 -21.99 7.34 8.49
C LEU A 375 -22.91 8.29 9.22
N LEU A 376 -23.04 9.52 8.69
CA LEU A 376 -23.90 10.56 9.26
C LEU A 376 -25.41 10.31 9.02
N LYS A 377 -25.78 9.57 7.96
CA LYS A 377 -27.18 9.22 7.70
C LYS A 377 -27.59 8.13 8.72
N GLU A 378 -26.67 7.17 8.97
CA GLU A 378 -26.86 6.08 9.93
C GLU A 378 -26.90 6.64 11.37
N ALA A 379 -26.14 7.73 11.62
CA ALA A 379 -26.10 8.40 12.91
C ALA A 379 -27.45 9.10 13.16
N ALA A 380 -28.05 9.65 12.09
CA ALA A 380 -29.36 10.31 12.13
C ALA A 380 -30.46 9.29 12.41
N SER A 381 -30.29 8.04 11.93
CA SER A 381 -31.25 6.96 12.18
C SER A 381 -31.30 6.62 13.66
N LEU A 382 -30.13 6.29 14.26
CA LEU A 382 -29.96 5.95 15.69
C LEU A 382 -30.56 6.98 16.63
N LEU A 383 -30.44 8.27 16.26
CA LEU A 383 -30.94 9.44 17.00
C LEU A 383 -32.41 9.34 17.37
N GLU A 384 -33.20 8.60 16.57
CA GLU A 384 -34.61 8.36 16.86
C GLU A 384 -34.69 7.09 17.70
N ALA A 385 -34.73 7.26 19.05
CA ALA A 385 -34.77 6.24 20.12
C ALA A 385 -33.50 5.40 20.25
N SER A 402 -25.70 10.63 18.60
CA SER A 402 -24.71 10.96 19.64
C SER A 402 -23.47 11.62 19.05
N ALA A 403 -23.00 11.12 17.89
CA ALA A 403 -21.84 11.67 17.18
C ALA A 403 -22.25 13.03 16.60
N LEU A 404 -23.51 13.11 16.12
CA LEU A 404 -24.11 14.34 15.59
C LEU A 404 -24.39 15.34 16.71
N GLN A 405 -24.28 14.88 17.97
CA GLN A 405 -24.45 15.66 19.19
C GLN A 405 -23.10 16.11 19.72
N ASP A 406 -22.01 15.52 19.21
CA ASP A 406 -20.62 15.79 19.59
C ASP A 406 -20.05 16.91 18.72
N PRO A 407 -19.64 18.06 19.31
CA PRO A 407 -19.06 19.14 18.48
C PRO A 407 -17.67 18.81 17.92
N GLU A 408 -16.93 17.87 18.57
CA GLU A 408 -15.61 17.40 18.16
C GLU A 408 -15.63 16.74 16.77
N CYS A 409 -16.70 15.93 16.46
CA CYS A 409 -16.97 15.29 15.16
C CYS A 409 -17.01 16.36 14.08
N PHE A 410 -17.76 17.43 14.37
CA PHE A 410 -17.93 18.56 13.48
C PHE A 410 -16.58 19.24 13.15
N ALA A 411 -15.68 19.37 14.15
CA ALA A 411 -14.36 19.98 13.97
C ALA A 411 -13.50 19.11 13.05
N HIS A 412 -13.58 17.76 13.22
CA HIS A 412 -12.88 16.74 12.42
C HIS A 412 -13.36 16.81 10.96
N LEU A 413 -14.70 16.88 10.74
CA LEU A 413 -15.26 17.00 9.41
C LEU A 413 -14.72 18.29 8.77
N LEU A 414 -14.81 19.43 9.50
CA LEU A 414 -14.31 20.74 9.08
C LEU A 414 -12.83 20.73 8.76
N ARG A 415 -12.04 19.99 9.56
CA ARG A 415 -10.59 19.84 9.39
C ARG A 415 -10.26 19.02 8.13
N PHE A 416 -11.13 18.05 7.83
CA PHE A 416 -11.01 17.21 6.64
C PHE A 416 -11.16 18.06 5.35
N TYR A 417 -12.16 18.97 5.32
CA TYR A 417 -12.38 19.84 4.17
C TYR A 417 -11.28 20.88 4.02
N ASP A 418 -10.67 21.29 5.17
CA ASP A 418 -9.53 22.22 5.22
C ASP A 418 -8.32 21.58 4.50
N GLY A 419 -8.12 20.29 4.75
CA GLY A 419 -7.07 19.48 4.12
C GLY A 419 -7.16 19.41 2.61
N ILE A 420 -8.34 19.03 2.06
CA ILE A 420 -8.62 18.94 0.60
C ILE A 420 -8.41 20.31 -0.03
N CYS A 421 -8.85 21.37 0.66
CA CYS A 421 -8.77 22.76 0.23
C CYS A 421 -7.34 23.24 0.07
N LYS A 422 -6.50 22.99 1.09
CA LYS A 422 -5.08 23.32 1.06
C LYS A 422 -4.38 22.50 -0.03
N TRP A 423 -4.82 21.23 -0.26
CA TRP A 423 -4.27 20.34 -1.28
C TRP A 423 -4.41 20.99 -2.67
N GLU A 424 -5.63 21.47 -3.01
CA GLU A 424 -6.02 22.19 -4.24
C GLU A 424 -5.16 23.44 -4.50
N GLU A 425 -4.71 24.11 -3.44
CA GLU A 425 -3.86 25.29 -3.55
C GLU A 425 -2.49 24.94 -4.14
N GLY A 426 -2.13 25.65 -5.21
CA GLY A 426 -0.86 25.47 -5.90
C GLY A 426 -0.87 24.36 -6.94
N SER A 427 -1.97 23.60 -6.99
CA SER A 427 -2.19 22.49 -7.90
C SER A 427 -2.61 22.98 -9.29
N PRO A 428 -2.25 22.26 -10.40
CA PRO A 428 -2.66 22.71 -11.76
C PRO A 428 -4.16 22.56 -12.09
N THR A 429 -4.72 21.38 -11.77
CA THR A 429 -6.13 21.06 -12.03
C THR A 429 -6.96 21.20 -10.77
N PRO A 430 -8.28 21.48 -10.88
CA PRO A 430 -9.09 21.58 -9.65
C PRO A 430 -9.27 20.22 -8.98
N VAL A 431 -9.57 20.23 -7.67
CA VAL A 431 -9.86 19.05 -6.87
C VAL A 431 -11.39 19.11 -6.57
N LEU A 432 -11.84 20.22 -5.98
CA LEU A 432 -13.23 20.45 -5.63
C LEU A 432 -14.05 20.93 -6.80
N HIS A 433 -15.19 20.27 -7.00
CA HIS A 433 -16.14 20.58 -8.05
C HIS A 433 -17.54 20.51 -7.48
N VAL A 434 -18.54 20.83 -8.33
CA VAL A 434 -19.97 20.90 -8.01
C VAL A 434 -20.50 19.64 -7.26
N GLY A 435 -19.97 18.47 -7.60
CA GLY A 435 -20.30 17.19 -7.00
C GLY A 435 -19.93 17.05 -5.54
N TRP A 436 -18.82 17.69 -5.13
CA TRP A 436 -18.33 17.67 -3.75
C TRP A 436 -19.17 18.56 -2.85
N ALA A 437 -19.54 19.75 -3.37
CA ALA A 437 -20.25 20.84 -2.71
C ALA A 437 -21.58 20.47 -2.03
N THR A 438 -22.42 19.68 -2.70
CA THR A 438 -23.74 19.28 -2.17
C THR A 438 -23.56 18.44 -0.90
N PHE A 439 -22.59 17.51 -0.92
CA PHE A 439 -22.28 16.64 0.22
C PHE A 439 -21.66 17.40 1.39
N LEU A 440 -21.08 18.60 1.16
CA LEU A 440 -20.58 19.44 2.25
C LEU A 440 -21.79 20.05 2.92
N VAL A 441 -22.67 20.70 2.14
CA VAL A 441 -23.91 21.30 2.66
C VAL A 441 -24.70 20.23 3.45
N GLN A 442 -25.02 19.10 2.79
CA GLN A 442 -25.78 17.99 3.39
C GLN A 442 -25.19 17.50 4.69
N SER A 443 -23.84 17.33 4.74
CA SER A 443 -23.10 16.87 5.92
C SER A 443 -23.06 17.91 7.06
N LEU A 444 -22.99 19.22 6.70
CA LEU A 444 -23.06 20.33 7.67
C LEU A 444 -24.46 20.28 8.33
N GLY A 445 -25.48 20.03 7.49
CA GLY A 445 -26.89 19.92 7.86
C GLY A 445 -27.22 18.80 8.82
N ARG A 446 -26.37 17.78 8.92
CA ARG A 446 -26.60 16.67 9.85
C ARG A 446 -26.22 17.13 11.28
N PHE A 447 -25.51 18.27 11.39
CA PHE A 447 -25.11 18.86 12.66
C PHE A 447 -25.99 20.07 12.94
N GLU A 448 -26.60 20.09 14.14
CA GLU A 448 -27.49 21.20 14.53
C GLU A 448 -26.66 22.43 14.83
N GLY A 449 -27.25 23.61 14.66
CA GLY A 449 -26.62 24.90 14.89
C GLY A 449 -26.06 25.12 16.29
N GLN A 450 -26.66 24.48 17.32
CA GLN A 450 -26.19 24.58 18.70
C GLN A 450 -24.86 23.87 18.83
N VAL A 451 -24.74 22.71 18.15
CA VAL A 451 -23.57 21.85 18.12
C VAL A 451 -22.45 22.55 17.34
N ARG A 452 -22.77 23.04 16.13
CA ARG A 452 -21.83 23.75 15.26
C ARG A 452 -21.22 25.01 15.93
N GLN A 453 -22.05 25.77 16.69
CA GLN A 453 -21.61 26.96 17.43
C GLN A 453 -20.65 26.64 18.62
N LYS A 454 -20.64 25.38 19.11
CA LYS A 454 -19.73 24.98 20.18
C LYS A 454 -18.29 24.92 19.66
N VAL A 455 -18.11 24.95 18.31
CA VAL A 455 -16.78 24.92 17.69
C VAL A 455 -16.32 26.36 17.45
N ARG A 456 -15.17 26.74 18.04
CA ARG A 456 -14.52 28.04 17.90
C ARG A 456 -13.43 27.90 16.83
N ILE A 457 -13.56 28.64 15.72
CA ILE A 457 -12.59 28.66 14.64
C ILE A 457 -11.71 29.89 14.88
N VAL A 458 -10.53 29.63 15.47
CA VAL A 458 -9.57 30.64 15.92
C VAL A 458 -8.28 30.60 15.07
N SER A 459 -7.84 31.76 14.56
CA SER A 459 -6.58 31.91 13.81
C SER A 459 -5.35 31.80 14.74
N GLY A 460 -5.54 32.19 15.99
CA GLY A 460 -4.50 32.27 17.01
C GLY A 460 -4.46 33.69 17.52
N THR A 461 -3.94 33.87 18.74
CA THR A 461 -3.86 35.18 19.42
C THR A 461 -2.41 35.61 19.61
N VAL A 462 -1.68 34.88 20.44
CA VAL A 462 -0.27 35.09 20.71
C VAL A 462 0.53 33.88 20.19
N ALA A 463 1.74 34.11 19.64
CA ALA A 463 2.59 33.05 19.09
C ALA A 463 3.60 32.51 20.11
N GLY A 464 3.61 31.19 20.25
CA GLY A 464 4.44 30.47 21.20
C GLY A 464 3.96 30.65 22.63
N THR A 465 4.76 30.15 23.57
CA THR A 465 4.50 30.22 25.01
C THR A 465 5.71 30.89 25.65
N ALA A 466 5.47 31.61 26.76
CA ALA A 466 6.51 32.33 27.49
C ALA A 466 6.85 31.62 28.80
N ARG A 467 8.17 31.41 29.08
CA ARG A 467 8.64 30.81 30.33
C ARG A 467 8.81 31.89 31.40
N GLY A 488 -15.65 23.34 24.58
CA GLY A 488 -15.78 23.97 23.27
C GLY A 488 -14.55 23.78 22.41
N PRO A 489 -14.62 22.97 21.32
CA PRO A 489 -13.42 22.74 20.49
C PRO A 489 -12.86 23.98 19.81
N VAL A 490 -11.53 24.01 19.69
CA VAL A 490 -10.76 25.05 19.03
C VAL A 490 -10.18 24.44 17.76
N LEU A 491 -10.26 25.17 16.67
CA LEU A 491 -9.81 24.70 15.37
C LEU A 491 -9.15 25.85 14.60
N THR A 492 -8.11 25.54 13.81
CA THR A 492 -7.38 26.52 12.98
C THR A 492 -7.32 26.05 11.53
N PHE A 493 -7.87 26.88 10.62
CA PHE A 493 -7.88 26.62 9.19
C PHE A 493 -6.54 27.01 8.52
N GLN A 494 -6.00 26.10 7.72
CA GLN A 494 -4.75 26.31 7.00
C GLN A 494 -4.97 26.74 5.54
N SER A 495 -6.24 26.74 5.07
CA SER A 495 -6.60 27.09 3.69
C SER A 495 -7.41 28.38 3.54
N GLU A 496 -7.21 29.08 2.40
CA GLU A 496 -7.94 30.29 2.05
C GLU A 496 -9.47 30.01 2.00
N LYS A 497 -9.93 29.04 1.16
CA LYS A 497 -11.36 28.71 1.01
C LYS A 497 -12.12 28.57 2.33
N MET A 498 -11.66 27.70 3.25
CA MET A 498 -12.31 27.50 4.54
C MET A 498 -12.26 28.77 5.42
N LYS A 499 -11.14 29.54 5.37
CA LYS A 499 -10.98 30.78 6.15
C LYS A 499 -12.03 31.82 5.77
N GLY A 500 -12.33 31.89 4.46
CA GLY A 500 -13.34 32.78 3.91
C GLY A 500 -14.76 32.40 4.28
N MET A 501 -14.97 31.11 4.55
CA MET A 501 -16.23 30.45 4.88
C MET A 501 -16.54 30.40 6.37
N LYS A 502 -15.54 30.69 7.22
CA LYS A 502 -15.63 30.63 8.69
C LYS A 502 -17.04 30.92 9.24
N GLU A 503 -17.54 32.16 9.05
CA GLU A 503 -18.84 32.64 9.55
C GLU A 503 -20.04 31.82 9.01
N LEU A 504 -20.06 31.46 7.71
CA LEU A 504 -21.14 30.69 7.06
C LEU A 504 -21.29 29.30 7.65
N LEU A 505 -20.14 28.61 7.87
CA LEU A 505 -20.04 27.25 8.39
C LEU A 505 -20.63 27.07 9.79
N VAL A 506 -20.53 28.11 10.62
CA VAL A 506 -20.98 28.15 12.00
C VAL A 506 -22.40 28.75 12.16
N ALA A 507 -22.96 29.33 11.08
CA ALA A 507 -24.28 29.96 11.11
C ALA A 507 -25.45 29.00 11.34
N THR A 508 -26.45 29.41 12.14
CA THR A 508 -27.68 28.63 12.46
C THR A 508 -28.44 28.20 11.21
N LYS A 509 -28.54 29.11 10.22
CA LYS A 509 -29.17 28.87 8.94
C LYS A 509 -28.05 28.78 7.87
N ILE A 510 -27.88 27.56 7.28
CA ILE A 510 -26.83 27.30 6.29
C ILE A 510 -27.19 27.90 4.94
N ASN A 511 -26.37 28.86 4.50
CA ASN A 511 -26.49 29.53 3.22
C ASN A 511 -25.80 28.62 2.18
N SER A 512 -26.57 27.67 1.62
CA SER A 512 -26.13 26.66 0.66
C SER A 512 -25.36 27.21 -0.52
N SER A 513 -25.91 28.22 -1.22
CA SER A 513 -25.27 28.82 -2.38
C SER A 513 -23.90 29.39 -2.08
N ALA A 514 -23.79 30.11 -0.94
CA ALA A 514 -22.58 30.75 -0.49
C ALA A 514 -21.50 29.73 -0.11
N ILE A 515 -21.88 28.58 0.46
CA ILE A 515 -20.90 27.56 0.81
C ILE A 515 -20.47 26.81 -0.48
N LYS A 516 -21.44 26.51 -1.36
CA LYS A 516 -21.20 25.83 -2.64
C LYS A 516 -20.26 26.66 -3.53
N LEU A 517 -20.58 27.96 -3.75
CA LEU A 517 -19.77 28.92 -4.54
C LEU A 517 -18.33 29.09 -3.99
N GLN A 518 -18.21 29.27 -2.68
CA GLN A 518 -16.91 29.46 -2.04
C GLN A 518 -16.02 28.22 -2.20
N LEU A 519 -16.60 27.02 -1.96
CA LEU A 519 -15.87 25.75 -2.07
C LEU A 519 -15.52 25.43 -3.53
N THR A 520 -16.31 25.95 -4.49
CA THR A 520 -16.07 25.65 -5.91
C THR A 520 -15.05 26.57 -6.61
N ALA A 521 -14.83 27.81 -6.10
CA ALA A 521 -13.87 28.79 -6.63
C ALA A 521 -12.47 28.21 -6.88
#